data_3UF7
#
_entry.id   3UF7
#
_cell.length_a   118.204
_cell.length_b   118.204
_cell.length_c   47.098
_cell.angle_alpha   90.000
_cell.angle_beta   90.000
_cell.angle_gamma   90.000
#
_symmetry.space_group_name_H-M   'I 4'
#
loop_
_entity.id
_entity.type
_entity.pdbx_description
1 polymer 'Uracil-DNA glycosylase'
2 polymer 'Single-stranded DNA-binding protein'
3 non-polymer 'SULFATE ION'
4 water water
#
loop_
_entity_poly.entity_id
_entity_poly.type
_entity_poly.pdbx_seq_one_letter_code
_entity_poly.pdbx_strand_id
1 'polypeptide(L)'
;MANELTWHDVLAEEKQQPYFLNTLQTVASERQSGVTIYPPQKDVFNAFRFTELGDVKVVILGQDPYHGPGQAHGLAFSVR
PGIAIPPSLLNMYKELENTIPGFTRPNHGYLESWARQGVLLLNTVLTVRAGQAHSHASLGWETFTDKVISLINQHREGVV
FLLWGSHAQKKGAIIDKQRHHVLKAPHPSPLSAHRGFFGCNHFVLANQWLEQRGETPIDWMPVLPAESELEHHHHHH
;
A
2 'polypeptide(L)' MDFDDDIPF B,C
#
# COMPACT_ATOMS: atom_id res chain seq x y z
N ASN A 3 3.81 -11.32 15.14
CA ASN A 3 5.20 -11.98 15.20
CA ASN A 3 5.19 -11.79 14.86
C ASN A 3 6.35 -11.00 15.59
N GLU A 4 7.48 -11.59 16.06
CA GLU A 4 8.78 -10.89 16.24
C GLU A 4 9.46 -10.79 14.88
N LEU A 5 8.83 -11.44 13.91
CA LEU A 5 9.45 -11.45 12.55
C LEU A 5 9.62 -10.07 11.97
N THR A 6 10.77 -9.93 11.31
CA THR A 6 11.04 -8.74 10.55
C THR A 6 11.22 -9.00 9.05
N TRP A 7 11.11 -7.95 8.28
CA TRP A 7 11.43 -8.06 6.86
C TRP A 7 12.83 -8.57 6.63
N HIS A 8 13.78 -8.16 7.47
CA HIS A 8 15.14 -8.60 7.31
C HIS A 8 15.26 -10.11 7.43
N ASP A 9 14.47 -10.72 8.31
CA ASP A 9 14.44 -12.18 8.48
C ASP A 9 14.04 -12.95 7.24
N VAL A 10 13.22 -12.33 6.38
CA VAL A 10 12.65 -13.08 5.25
C VAL A 10 13.01 -12.53 3.87
N LEU A 11 13.61 -11.33 3.81
CA LEU A 11 13.97 -10.68 2.53
C LEU A 11 15.46 -10.56 2.30
N ALA A 12 16.29 -11.03 3.22
CA ALA A 12 17.73 -10.87 3.07
C ALA A 12 18.23 -11.54 1.81
N GLU A 13 17.72 -12.72 1.48
CA GLU A 13 18.16 -13.40 0.25
C GLU A 13 17.44 -12.81 -0.97
N GLU A 14 16.24 -12.32 -0.80
CA GLU A 14 15.51 -11.72 -1.89
C GLU A 14 16.23 -10.48 -2.43
N LYS A 15 16.90 -9.74 -1.54
CA LYS A 15 17.75 -8.58 -1.84
CA LYS A 15 17.60 -8.56 -1.99
C LYS A 15 18.87 -8.88 -2.80
N GLN A 16 19.29 -10.15 -2.81
CA GLN A 16 20.41 -10.61 -3.65
C GLN A 16 19.94 -11.20 -4.98
N GLN A 17 18.63 -11.26 -5.23
CA GLN A 17 18.15 -11.87 -6.44
C GLN A 17 18.39 -10.96 -7.65
N PRO A 18 18.72 -11.56 -8.81
CA PRO A 18 18.99 -10.74 -10.00
C PRO A 18 17.86 -9.78 -10.37
N TYR A 19 16.61 -10.22 -10.31
CA TYR A 19 15.56 -9.32 -10.80
C TYR A 19 15.53 -8.08 -9.89
N PHE A 20 15.81 -8.26 -8.59
CA PHE A 20 15.76 -7.17 -7.61
C PHE A 20 16.95 -6.22 -7.83
N LEU A 21 18.15 -6.81 -7.94
CA LEU A 21 19.35 -6.00 -8.21
C LEU A 21 19.22 -5.22 -9.52
N ASN A 22 18.70 -5.87 -10.57
CA ASN A 22 18.51 -5.20 -11.87
C ASN A 22 17.51 -4.04 -11.76
N THR A 23 16.46 -4.21 -10.94
CA THR A 23 15.50 -3.14 -10.76
C THR A 23 16.18 -1.95 -10.08
N LEU A 24 16.88 -2.19 -8.96
CA LEU A 24 17.51 -1.08 -8.27
C LEU A 24 18.53 -0.39 -9.17
N GLN A 25 19.31 -1.18 -9.91
CA GLN A 25 20.35 -0.59 -10.76
CA GLN A 25 20.33 -0.60 -10.77
C GLN A 25 19.72 0.25 -11.88
N THR A 26 18.61 -0.22 -12.46
CA THR A 26 17.95 0.53 -13.52
C THR A 26 17.39 1.84 -13.00
N VAL A 27 16.70 1.79 -11.86
CA VAL A 27 16.16 3.01 -11.29
C VAL A 27 17.30 3.99 -10.99
N ALA A 28 18.38 3.50 -10.37
CA ALA A 28 19.51 4.37 -10.05
C ALA A 28 20.12 4.99 -11.28
N SER A 29 20.26 4.21 -12.36
CA SER A 29 20.84 4.72 -13.61
CA SER A 29 20.82 4.69 -13.62
CA SER A 29 20.84 4.72 -13.61
C SER A 29 19.94 5.79 -14.22
N GLU A 30 18.63 5.61 -14.12
CA GLU A 30 17.71 6.62 -14.61
C GLU A 30 17.81 7.93 -13.81
N ARG A 31 17.81 7.83 -12.49
CA ARG A 31 17.99 9.02 -11.63
C ARG A 31 19.28 9.76 -12.03
N GLN A 32 20.36 9.00 -12.17
CA GLN A 32 21.68 9.55 -12.53
C GLN A 32 21.66 10.26 -13.87
N SER A 33 20.86 9.75 -14.81
CA SER A 33 20.82 10.30 -16.16
CA SER A 33 20.79 10.29 -16.17
C SER A 33 19.94 11.56 -16.22
N GLY A 34 19.26 11.86 -15.13
CA GLY A 34 18.47 13.08 -15.03
C GLY A 34 16.96 12.87 -15.13
N VAL A 35 16.51 11.61 -15.12
CA VAL A 35 15.07 11.31 -15.17
C VAL A 35 14.57 11.53 -13.75
N THR A 36 13.50 12.32 -13.62
CA THR A 36 12.87 12.50 -12.31
C THR A 36 12.00 11.28 -12.01
N ILE A 37 12.30 10.62 -10.90
CA ILE A 37 11.56 9.43 -10.51
CA ILE A 37 11.66 9.37 -10.48
C ILE A 37 11.05 9.62 -9.09
N TYR A 38 9.81 9.18 -8.88
CA TYR A 38 9.16 9.29 -7.58
C TYR A 38 8.84 7.90 -7.04
N PRO A 39 8.79 7.76 -5.70
CA PRO A 39 9.21 8.76 -4.72
C PRO A 39 10.75 8.84 -4.73
N PRO A 40 11.32 9.77 -3.95
CA PRO A 40 12.76 9.81 -3.75
C PRO A 40 13.29 8.47 -3.25
N GLN A 41 14.56 8.18 -3.54
CA GLN A 41 15.17 6.93 -3.19
C GLN A 41 15.02 6.61 -1.69
N LYS A 42 15.19 7.60 -0.83
CA LYS A 42 15.11 7.38 0.62
C LYS A 42 13.74 6.91 1.04
N ASP A 43 12.70 7.13 0.23
CA ASP A 43 11.32 6.83 0.61
C ASP A 43 10.77 5.55 -0.01
N VAL A 44 11.45 4.99 -1.01
CA VAL A 44 10.89 3.90 -1.81
C VAL A 44 10.35 2.74 -0.97
N PHE A 45 11.05 2.40 0.13
CA PHE A 45 10.68 1.26 0.96
C PHE A 45 10.02 1.69 2.28
N ASN A 46 9.39 2.87 2.34
CA ASN A 46 8.82 3.34 3.61
C ASN A 46 7.70 2.45 4.10
N ALA A 47 6.96 1.73 3.26
CA ALA A 47 5.89 0.84 3.78
C ALA A 47 6.48 -0.22 4.71
N PHE A 48 7.67 -0.71 4.37
CA PHE A 48 8.41 -1.72 5.12
C PHE A 48 9.05 -1.15 6.37
N ARG A 49 9.52 0.10 6.31
CA ARG A 49 10.07 0.79 7.47
C ARG A 49 9.01 1.00 8.53
N PHE A 50 7.82 1.40 8.12
CA PHE A 50 6.79 1.79 9.07
C PHE A 50 5.96 0.61 9.56
N THR A 51 5.92 -0.49 8.83
CA THR A 51 5.11 -1.66 9.18
C THR A 51 5.94 -2.89 9.04
N GLU A 52 6.50 -3.37 10.15
CA GLU A 52 7.30 -4.58 10.14
C GLU A 52 6.44 -5.82 9.90
N LEU A 53 7.07 -6.89 9.40
CA LEU A 53 6.34 -8.09 9.01
C LEU A 53 5.45 -8.62 10.15
N GLY A 54 6.03 -8.73 11.36
CA GLY A 54 5.25 -9.29 12.45
C GLY A 54 4.16 -8.38 12.96
N ASP A 55 4.20 -7.10 12.57
CA ASP A 55 3.21 -6.11 12.98
C ASP A 55 2.08 -5.91 11.96
N VAL A 56 2.18 -6.54 10.78
CA VAL A 56 1.15 -6.36 9.77
C VAL A 56 -0.19 -6.86 10.30
N LYS A 57 -1.20 -6.01 10.27
CA LYS A 57 -2.58 -6.37 10.61
C LYS A 57 -3.50 -6.32 9.39
N VAL A 58 -3.30 -5.29 8.54
CA VAL A 58 -4.14 -5.08 7.36
C VAL A 58 -3.18 -4.76 6.22
N VAL A 59 -3.44 -5.34 5.05
CA VAL A 59 -2.69 -5.01 3.83
C VAL A 59 -3.65 -4.36 2.86
N ILE A 60 -3.28 -3.17 2.36
CA ILE A 60 -4.09 -2.51 1.33
C ILE A 60 -3.15 -2.30 0.14
N LEU A 61 -3.45 -2.94 -1.00
CA LEU A 61 -2.59 -2.80 -2.19
C LEU A 61 -3.00 -1.61 -3.05
N GLY A 62 -1.98 -0.94 -3.58
CA GLY A 62 -2.13 0.00 -4.71
C GLY A 62 -1.32 -0.53 -5.90
N GLN A 63 -1.25 0.26 -6.95
CA GLN A 63 -0.46 -0.05 -8.12
C GLN A 63 0.78 0.82 -8.20
N ASP A 64 0.64 2.04 -8.72
CA ASP A 64 1.79 2.94 -8.86
C ASP A 64 1.86 3.99 -7.77
N PRO A 65 3.05 4.53 -7.50
CA PRO A 65 3.17 5.78 -6.73
C PRO A 65 2.52 6.93 -7.50
N TYR A 66 2.05 7.93 -6.77
CA TYR A 66 1.64 9.21 -7.41
C TYR A 66 2.85 9.77 -8.17
N HIS A 67 2.56 10.43 -9.31
CA HIS A 67 3.67 10.75 -10.23
C HIS A 67 3.96 12.23 -10.40
N GLY A 68 3.49 13.06 -9.47
CA GLY A 68 3.75 14.52 -9.47
C GLY A 68 4.69 14.93 -8.34
N PRO A 69 5.26 16.13 -8.42
CA PRO A 69 6.28 16.56 -7.43
C PRO A 69 5.75 16.63 -6.01
N GLY A 70 6.52 16.06 -5.07
CA GLY A 70 6.21 16.18 -3.67
C GLY A 70 5.05 15.33 -3.19
N GLN A 71 4.51 14.43 -4.01
CA GLN A 71 3.26 13.73 -3.68
C GLN A 71 3.55 12.39 -3.00
N ALA A 72 4.14 11.45 -3.72
CA ALA A 72 4.44 10.12 -3.22
C ALA A 72 5.53 10.13 -2.17
N HIS A 73 5.39 9.24 -1.19
CA HIS A 73 6.43 9.09 -0.16
C HIS A 73 6.57 7.66 0.29
N GLY A 74 6.26 6.70 -0.58
CA GLY A 74 6.52 5.30 -0.31
C GLY A 74 5.39 4.53 0.35
N LEU A 75 4.21 5.12 0.43
CA LEU A 75 3.00 4.43 0.91
C LEU A 75 1.93 4.48 -0.19
N ALA A 76 1.22 3.38 -0.41
CA ALA A 76 0.03 3.44 -1.22
C ALA A 76 -0.96 4.48 -0.65
N PHE A 77 -1.71 5.16 -1.52
CA PHE A 77 -2.82 6.06 -1.19
C PHE A 77 -2.43 7.40 -0.59
N SER A 78 -1.44 7.41 0.28
CA SER A 78 -1.03 8.58 1.04
C SER A 78 -0.24 9.60 0.24
N VAL A 79 -0.35 10.87 0.63
CA VAL A 79 0.48 11.94 0.10
C VAL A 79 1.15 12.70 1.23
N ARG A 80 2.24 13.41 0.91
CA ARG A 80 2.95 14.19 1.92
CA ARG A 80 2.90 14.25 1.91
C ARG A 80 2.00 15.30 2.48
N PRO A 81 2.29 15.76 3.71
CA PRO A 81 1.53 16.88 4.28
C PRO A 81 1.61 18.09 3.34
N GLY A 82 0.51 18.80 3.20
CA GLY A 82 0.48 19.96 2.34
C GLY A 82 -0.04 19.70 0.93
N ILE A 83 -0.02 18.46 0.51
CA ILE A 83 -0.50 18.06 -0.82
C ILE A 83 -2.02 17.88 -0.78
N ALA A 84 -2.70 18.34 -1.84
CA ALA A 84 -4.15 18.14 -1.95
C ALA A 84 -4.50 16.65 -1.89
N ILE A 85 -5.65 16.35 -1.31
CA ILE A 85 -6.04 14.96 -1.12
CA ILE A 85 -6.07 14.94 -1.15
C ILE A 85 -6.34 14.32 -2.50
N PRO A 86 -5.71 13.22 -2.84
CA PRO A 86 -6.01 12.56 -4.12
C PRO A 86 -7.45 12.10 -4.17
N PRO A 87 -8.07 12.09 -5.36
CA PRO A 87 -9.49 11.70 -5.42
C PRO A 87 -9.80 10.29 -4.91
N SER A 88 -8.93 9.32 -5.14
CA SER A 88 -9.20 7.98 -4.57
C SER A 88 -9.20 8.03 -3.03
N LEU A 89 -8.27 8.80 -2.45
CA LEU A 89 -8.22 8.92 -0.97
C LEU A 89 -9.43 9.70 -0.49
N LEU A 90 -9.90 10.71 -1.22
CA LEU A 90 -11.11 11.38 -0.83
C LEU A 90 -12.28 10.42 -0.76
N ASN A 91 -12.38 9.49 -1.71
CA ASN A 91 -13.45 8.50 -1.67
C ASN A 91 -13.28 7.56 -0.47
N MET A 92 -12.06 7.17 -0.17
CA MET A 92 -11.83 6.40 1.09
C MET A 92 -12.32 7.21 2.31
N TYR A 93 -12.00 8.49 2.37
CA TYR A 93 -12.47 9.34 3.48
C TYR A 93 -13.97 9.42 3.51
N LYS A 94 -14.66 9.47 2.38
CA LYS A 94 -16.12 9.48 2.37
C LYS A 94 -16.72 8.18 2.92
N GLU A 95 -16.17 7.03 2.51
CA GLU A 95 -16.59 5.76 3.04
C GLU A 95 -16.34 5.71 4.56
N LEU A 96 -15.15 6.15 4.98
CA LEU A 96 -14.82 6.18 6.42
C LEU A 96 -15.80 7.04 7.19
N GLU A 97 -16.12 8.24 6.70
CA GLU A 97 -17.00 9.12 7.46
CA GLU A 97 -17.05 9.14 7.40
C GLU A 97 -18.42 8.53 7.54
N ASN A 98 -18.82 7.76 6.52
CA ASN A 98 -20.12 7.09 6.53
CA ASN A 98 -20.12 7.12 6.54
C ASN A 98 -20.21 5.86 7.40
N THR A 99 -19.08 5.35 7.86
CA THR A 99 -19.08 4.02 8.54
C THR A 99 -18.42 3.96 9.91
N ILE A 100 -17.38 4.74 10.14
CA ILE A 100 -16.64 4.68 11.42
C ILE A 100 -17.21 5.74 12.35
N PRO A 101 -17.70 5.34 13.54
CA PRO A 101 -18.28 6.35 14.46
C PRO A 101 -17.26 7.43 14.80
N GLY A 102 -17.64 8.69 14.66
CA GLY A 102 -16.79 9.79 15.00
C GLY A 102 -15.65 10.11 14.04
N PHE A 103 -15.63 9.48 12.86
CA PHE A 103 -14.65 9.86 11.84
C PHE A 103 -15.07 11.17 11.20
N THR A 104 -14.16 12.10 11.05
CA THR A 104 -14.49 13.33 10.34
CA THR A 104 -14.45 13.39 10.36
C THR A 104 -13.41 13.62 9.32
N ARG A 105 -13.79 14.34 8.27
CA ARG A 105 -12.92 14.58 7.14
C ARG A 105 -11.56 15.15 7.58
N PRO A 106 -10.45 14.44 7.30
CA PRO A 106 -9.16 14.99 7.62
C PRO A 106 -8.80 16.16 6.70
N ASN A 107 -7.92 17.01 7.17
CA ASN A 107 -7.44 18.16 6.46
C ASN A 107 -6.08 17.89 5.77
N HIS A 108 -5.78 16.63 5.52
CA HIS A 108 -4.52 16.22 4.87
C HIS A 108 -4.68 14.80 4.40
N GLY A 109 -3.72 14.33 3.60
CA GLY A 109 -3.73 12.95 3.10
C GLY A 109 -2.58 12.07 3.52
N TYR A 110 -1.98 12.35 4.68
CA TYR A 110 -0.77 11.71 5.09
C TYR A 110 -1.11 10.54 6.04
N LEU A 111 -0.73 9.32 5.67
CA LEU A 111 -1.22 8.09 6.31
C LEU A 111 -0.14 7.31 7.05
N GLU A 112 0.98 7.96 7.38
CA GLU A 112 1.97 7.25 8.23
C GLU A 112 1.36 6.65 9.50
N SER A 113 0.39 7.35 10.09
CA SER A 113 -0.16 6.84 11.34
C SER A 113 -0.98 5.54 11.14
N TRP A 114 -1.49 5.32 9.92
CA TRP A 114 -2.07 4.01 9.61
C TRP A 114 -1.01 2.95 9.59
N ALA A 115 0.10 3.21 8.90
CA ALA A 115 1.19 2.27 8.79
C ALA A 115 1.74 1.92 10.18
N ARG A 116 1.86 2.91 11.08
CA ARG A 116 2.41 2.65 12.41
C ARG A 116 1.48 1.80 13.26
N GLN A 117 0.21 1.64 12.89
CA GLN A 117 -0.77 0.76 13.54
C GLN A 117 -0.83 -0.61 12.91
N GLY A 118 -0.02 -0.88 11.88
CA GLY A 118 -0.02 -2.19 11.24
C GLY A 118 -0.74 -2.26 9.90
N VAL A 119 -1.03 -1.10 9.27
CA VAL A 119 -1.61 -1.14 7.93
C VAL A 119 -0.48 -1.04 6.90
N LEU A 120 -0.24 -2.14 6.18
CA LEU A 120 0.83 -2.14 5.17
C LEU A 120 0.24 -1.55 3.87
N LEU A 121 0.71 -0.36 3.52
CA LEU A 121 0.17 0.37 2.36
C LEU A 121 1.13 0.14 1.19
N LEU A 122 0.91 -0.99 0.54
CA LEU A 122 1.90 -1.52 -0.43
C LEU A 122 1.47 -1.27 -1.87
N ASN A 123 2.20 -0.42 -2.58
CA ASN A 123 2.03 -0.36 -4.04
C ASN A 123 2.73 -1.59 -4.63
N THR A 124 2.16 -2.10 -5.73
CA THR A 124 2.81 -3.26 -6.34
C THR A 124 4.01 -2.87 -7.20
N VAL A 125 4.04 -1.61 -7.66
CA VAL A 125 5.20 -1.02 -8.32
C VAL A 125 5.69 0.14 -7.45
N LEU A 126 7.00 0.17 -7.16
CA LEU A 126 7.45 1.09 -6.07
C LEU A 126 8.10 2.38 -6.57
N THR A 127 8.25 2.53 -7.90
CA THR A 127 8.79 3.79 -8.46
C THR A 127 8.05 4.09 -9.75
N VAL A 128 8.14 5.35 -10.17
CA VAL A 128 7.49 5.82 -11.41
C VAL A 128 8.25 7.02 -11.94
N ARG A 129 8.34 7.14 -13.27
CA ARG A 129 8.88 8.37 -13.85
C ARG A 129 7.83 9.48 -13.77
N ALA A 130 8.31 10.70 -13.49
CA ALA A 130 7.43 11.85 -13.34
C ALA A 130 6.41 11.94 -14.45
N GLY A 131 5.14 12.07 -14.10
CA GLY A 131 4.05 12.27 -15.04
C GLY A 131 3.58 11.07 -15.82
N GLN A 132 4.23 9.92 -15.68
CA GLN A 132 4.06 8.80 -16.62
C GLN A 132 3.61 7.53 -15.91
N ALA A 133 2.29 7.32 -15.80
CA ALA A 133 1.79 6.12 -15.10
C ALA A 133 2.31 4.85 -15.80
N HIS A 134 2.64 3.82 -15.01
CA HIS A 134 3.11 2.51 -15.45
C HIS A 134 4.50 2.53 -16.06
N SER A 135 5.21 3.64 -15.96
CA SER A 135 6.52 3.76 -16.62
C SER A 135 7.59 2.79 -16.07
N HIS A 136 7.43 2.34 -14.82
CA HIS A 136 8.33 1.33 -14.26
C HIS A 136 7.69 -0.01 -14.07
N ALA A 137 6.52 -0.24 -14.68
CA ALA A 137 5.88 -1.56 -14.60
C ALA A 137 6.72 -2.69 -15.22
N SER A 138 7.55 -2.34 -16.21
CA SER A 138 8.35 -3.36 -16.93
C SER A 138 9.62 -3.77 -16.17
N LEU A 139 9.87 -3.15 -15.00
CA LEU A 139 10.99 -3.56 -14.16
C LEU A 139 10.56 -4.79 -13.34
N GLY A 140 11.26 -5.04 -12.24
CA GLY A 140 10.98 -6.24 -11.42
C GLY A 140 10.21 -5.96 -10.15
N TRP A 141 9.58 -4.77 -10.02
CA TRP A 141 8.85 -4.50 -8.80
C TRP A 141 7.69 -5.44 -8.55
N GLU A 142 6.94 -5.82 -9.59
CA GLU A 142 5.81 -6.75 -9.40
C GLU A 142 6.31 -8.11 -8.95
N THR A 143 7.46 -8.54 -9.43
CA THR A 143 8.07 -9.79 -8.93
C THR A 143 8.36 -9.65 -7.43
N PHE A 144 8.94 -8.50 -7.05
CA PHE A 144 9.24 -8.26 -5.62
C PHE A 144 7.96 -8.26 -4.78
N THR A 145 6.95 -7.51 -5.19
CA THR A 145 5.77 -7.40 -4.35
C THR A 145 4.93 -8.68 -4.40
N ASP A 146 5.02 -9.50 -5.45
CA ASP A 146 4.50 -10.86 -5.40
C ASP A 146 5.16 -11.65 -4.28
N LYS A 147 6.49 -11.54 -4.17
CA LYS A 147 7.19 -12.27 -3.12
C LYS A 147 6.80 -11.77 -1.72
N VAL A 148 6.65 -10.45 -1.58
CA VAL A 148 6.23 -9.89 -0.30
C VAL A 148 4.86 -10.46 0.12
N ILE A 149 3.89 -10.46 -0.80
CA ILE A 149 2.56 -10.99 -0.48
C ILE A 149 2.67 -12.48 -0.14
N SER A 150 3.47 -13.23 -0.91
CA SER A 150 3.64 -14.65 -0.62
C SER A 150 4.25 -14.87 0.78
N LEU A 151 5.19 -14.01 1.18
CA LEU A 151 5.80 -14.15 2.51
C LEU A 151 4.85 -13.81 3.63
N ILE A 152 3.98 -12.81 3.44
CA ILE A 152 2.95 -12.53 4.47
C ILE A 152 2.02 -13.73 4.56
N ASN A 153 1.57 -14.23 3.41
CA ASN A 153 0.68 -15.39 3.37
C ASN A 153 1.28 -16.58 4.14
N GLN A 154 2.57 -16.84 3.90
CA GLN A 154 3.25 -17.99 4.47
C GLN A 154 3.55 -17.83 5.97
N HIS A 155 4.08 -16.67 6.35
CA HIS A 155 4.68 -16.50 7.69
C HIS A 155 3.82 -15.84 8.72
N ARG A 156 2.66 -15.35 8.34
CA ARG A 156 1.70 -14.75 9.27
C ARG A 156 0.40 -15.53 9.27
N GLU A 157 -0.42 -15.29 10.30
CA GLU A 157 -1.76 -15.81 10.38
C GLU A 157 -2.76 -14.69 10.58
N GLY A 158 -3.89 -14.74 9.88
CA GLY A 158 -5.01 -13.85 10.23
C GLY A 158 -4.88 -12.41 9.76
N VAL A 159 -4.08 -12.14 8.72
CA VAL A 159 -3.98 -10.79 8.19
C VAL A 159 -5.23 -10.48 7.38
N VAL A 160 -5.68 -9.22 7.45
CA VAL A 160 -6.80 -8.78 6.61
C VAL A 160 -6.22 -8.17 5.34
N PHE A 161 -6.64 -8.67 4.18
CA PHE A 161 -6.22 -8.07 2.88
C PHE A 161 -7.42 -7.36 2.30
N LEU A 162 -7.26 -6.05 2.04
CA LEU A 162 -8.33 -5.27 1.38
C LEU A 162 -7.91 -5.08 -0.07
N LEU A 163 -8.55 -5.84 -0.97
CA LEU A 163 -8.13 -5.90 -2.38
C LEU A 163 -9.13 -5.13 -3.23
N TRP A 164 -8.70 -3.95 -3.67
CA TRP A 164 -9.60 -3.00 -4.30
C TRP A 164 -9.24 -2.88 -5.79
N GLY A 165 -10.18 -3.28 -6.63
CA GLY A 165 -9.96 -3.25 -8.12
C GLY A 165 -9.39 -4.57 -8.60
N SER A 166 -9.47 -4.72 -9.93
CA SER A 166 -9.05 -5.97 -10.57
CA SER A 166 -9.07 -5.99 -10.54
CA SER A 166 -9.06 -5.96 -10.56
C SER A 166 -7.56 -6.30 -10.37
N HIS A 167 -6.71 -5.29 -10.49
CA HIS A 167 -5.28 -5.54 -10.39
C HIS A 167 -4.93 -6.10 -9.01
N ALA A 168 -5.42 -5.46 -7.95
CA ALA A 168 -5.14 -5.89 -6.59
C ALA A 168 -5.75 -7.27 -6.34
N GLN A 169 -6.95 -7.53 -6.85
CA GLN A 169 -7.59 -8.82 -6.61
C GLN A 169 -6.80 -9.95 -7.28
N LYS A 170 -6.24 -9.70 -8.48
CA LYS A 170 -5.41 -10.72 -9.13
CA LYS A 170 -5.40 -10.69 -9.15
C LYS A 170 -4.12 -10.93 -8.34
N LYS A 171 -3.56 -9.84 -7.83
CA LYS A 171 -2.32 -9.92 -7.06
C LYS A 171 -2.55 -10.81 -5.82
N GLY A 172 -3.74 -10.74 -5.25
CA GLY A 172 -4.03 -11.50 -4.05
C GLY A 172 -4.65 -12.87 -4.27
N ALA A 173 -4.69 -13.36 -5.51
CA ALA A 173 -5.35 -14.63 -5.81
C ALA A 173 -4.75 -15.86 -5.09
N ILE A 174 -3.46 -15.75 -4.75
CA ILE A 174 -2.67 -16.77 -4.03
CA ILE A 174 -2.75 -16.86 -4.10
C ILE A 174 -3.00 -16.96 -2.57
N ILE A 175 -3.51 -15.92 -1.96
CA ILE A 175 -3.63 -15.89 -0.49
C ILE A 175 -4.56 -17.01 -0.01
N ASP A 176 -4.17 -17.65 1.09
CA ASP A 176 -5.01 -18.69 1.69
C ASP A 176 -6.19 -18.00 2.41
N LYS A 177 -7.39 -18.22 1.90
CA LYS A 177 -8.59 -17.53 2.38
C LYS A 177 -9.20 -18.12 3.64
N GLN A 178 -8.61 -19.20 4.14
CA GLN A 178 -8.97 -19.72 5.48
C GLN A 178 -8.02 -19.21 6.54
N ARG A 179 -6.73 -19.10 6.20
CA ARG A 179 -5.73 -18.62 7.12
C ARG A 179 -5.72 -17.10 7.29
N HIS A 180 -6.20 -16.40 6.26
CA HIS A 180 -6.22 -14.93 6.22
C HIS A 180 -7.61 -14.49 5.88
N HIS A 181 -7.88 -13.20 5.96
CA HIS A 181 -9.22 -12.68 5.71
C HIS A 181 -9.17 -11.74 4.54
N VAL A 182 -9.68 -12.19 3.39
CA VAL A 182 -9.56 -11.42 2.14
C VAL A 182 -10.91 -10.78 1.82
N LEU A 183 -10.91 -9.47 1.67
CA LEU A 183 -12.10 -8.69 1.34
C LEU A 183 -11.87 -7.98 0.02
N LYS A 184 -12.85 -8.04 -0.87
CA LYS A 184 -12.69 -7.46 -2.20
CA LYS A 184 -12.73 -7.53 -2.25
C LYS A 184 -13.74 -6.41 -2.46
N ALA A 185 -13.35 -5.38 -3.21
CA ALA A 185 -14.30 -4.34 -3.65
C ALA A 185 -13.71 -3.69 -4.88
N PRO A 186 -14.53 -2.86 -5.58
CA PRO A 186 -13.96 -2.03 -6.65
C PRO A 186 -12.96 -1.03 -6.09
N HIS A 187 -12.12 -0.50 -6.97
CA HIS A 187 -11.14 0.52 -6.60
C HIS A 187 -11.86 1.79 -6.14
N PRO A 188 -11.30 2.52 -5.13
CA PRO A 188 -11.92 3.76 -4.68
C PRO A 188 -11.77 4.93 -5.67
N SER A 189 -11.00 4.77 -6.74
CA SER A 189 -10.95 5.81 -7.75
C SER A 189 -12.34 6.26 -8.17
N PRO A 190 -12.51 7.57 -8.51
CA PRO A 190 -13.75 8.01 -9.16
C PRO A 190 -14.16 7.19 -10.38
N LEU A 191 -13.19 6.54 -11.02
CA LEU A 191 -13.50 5.74 -12.19
C LEU A 191 -14.34 4.50 -11.87
N SER A 192 -14.30 4.07 -10.61
CA SER A 192 -14.96 2.82 -10.22
C SER A 192 -15.70 2.81 -8.88
N ALA A 193 -15.56 3.85 -8.06
CA ALA A 193 -16.05 3.76 -6.68
C ALA A 193 -17.54 3.51 -6.58
N HIS A 194 -18.32 4.07 -7.51
CA HIS A 194 -19.76 3.91 -7.50
C HIS A 194 -20.25 2.54 -7.92
N ARG A 195 -19.32 1.67 -8.32
CA ARG A 195 -19.67 0.30 -8.67
C ARG A 195 -19.62 -0.61 -7.46
N GLY A 196 -19.38 -0.07 -6.26
CA GLY A 196 -19.37 -0.91 -5.10
C GLY A 196 -18.31 -0.61 -4.06
N PHE A 197 -17.40 0.33 -4.30
CA PHE A 197 -16.51 0.74 -3.21
C PHE A 197 -17.34 1.42 -2.11
N PHE A 198 -18.12 2.42 -2.46
CA PHE A 198 -19.03 2.99 -1.47
C PHE A 198 -20.01 1.91 -1.03
N GLY A 199 -20.10 1.73 0.28
CA GLY A 199 -20.90 0.64 0.84
C GLY A 199 -20.14 -0.63 1.12
N CYS A 200 -18.86 -0.74 0.76
CA CYS A 200 -18.13 -2.01 0.96
C CYS A 200 -17.90 -2.25 2.45
N ASN A 201 -17.84 -1.18 3.26
CA ASN A 201 -17.70 -1.26 4.70
CA ASN A 201 -17.73 -1.34 4.72
C ASN A 201 -16.41 -1.96 5.14
N HIS A 202 -15.34 -1.89 4.33
CA HIS A 202 -14.16 -2.63 4.61
C HIS A 202 -13.43 -2.19 5.85
N PHE A 203 -13.50 -0.90 6.19
CA PHE A 203 -12.74 -0.40 7.35
C PHE A 203 -13.34 -0.94 8.66
N VAL A 204 -14.66 -0.96 8.73
CA VAL A 204 -15.37 -1.56 9.85
C VAL A 204 -15.14 -3.07 9.87
N LEU A 205 -15.24 -3.72 8.71
CA LEU A 205 -15.08 -5.17 8.69
C LEU A 205 -13.69 -5.60 9.14
N ALA A 206 -12.66 -4.86 8.73
CA ALA A 206 -11.31 -5.14 9.15
C ALA A 206 -11.22 -5.05 10.69
N ASN A 207 -11.83 -4.01 11.27
CA ASN A 207 -11.80 -3.84 12.73
C ASN A 207 -12.58 -4.91 13.44
N GLN A 208 -13.70 -5.36 12.89
CA GLN A 208 -14.47 -6.45 13.50
C GLN A 208 -13.67 -7.74 13.53
N TRP A 209 -12.95 -8.01 12.43
CA TRP A 209 -12.03 -9.15 12.41
C TRP A 209 -10.97 -9.04 13.48
N LEU A 210 -10.32 -7.90 13.58
CA LEU A 210 -9.25 -7.70 14.55
C LEU A 210 -9.80 -7.93 15.98
N GLU A 211 -10.97 -7.37 16.28
CA GLU A 211 -11.56 -7.56 17.63
C GLU A 211 -11.94 -9.01 17.87
N GLN A 212 -12.41 -9.72 16.84
CA GLN A 212 -12.75 -11.18 16.98
C GLN A 212 -11.48 -12.01 17.22
N ARG A 213 -10.34 -11.55 16.70
CA ARG A 213 -9.04 -12.16 16.93
C ARG A 213 -8.44 -11.84 18.30
N GLY A 214 -9.06 -10.90 19.03
CA GLY A 214 -8.55 -10.40 20.33
C GLY A 214 -7.49 -9.33 20.21
N GLU A 215 -7.45 -8.64 19.07
CA GLU A 215 -6.45 -7.60 18.82
C GLU A 215 -7.08 -6.23 18.80
N THR A 216 -6.25 -5.19 18.89
CA THR A 216 -6.80 -3.82 18.88
CA THR A 216 -6.75 -3.82 18.89
C THR A 216 -7.18 -3.42 17.46
N PRO A 217 -8.31 -2.68 17.31
CA PRO A 217 -8.74 -2.22 15.98
C PRO A 217 -7.87 -1.06 15.52
N ILE A 218 -7.93 -0.78 14.22
CA ILE A 218 -7.25 0.39 13.66
C ILE A 218 -8.07 1.64 13.95
N ASP A 219 -7.39 2.68 14.39
CA ASP A 219 -8.01 4.03 14.42
C ASP A 219 -7.74 4.64 13.04
N TRP A 220 -8.77 4.72 12.20
CA TRP A 220 -8.61 5.13 10.82
C TRP A 220 -8.48 6.64 10.66
N MET A 221 -8.63 7.46 11.70
CA MET A 221 -8.35 8.87 11.55
CA MET A 221 -8.35 8.90 11.55
C MET A 221 -6.84 9.14 11.47
N PRO A 222 -6.34 9.66 10.35
CA PRO A 222 -4.87 9.85 10.21
C PRO A 222 -4.39 11.09 10.96
N VAL A 223 -3.15 11.02 11.45
CA VAL A 223 -2.61 12.09 12.29
C VAL A 223 -1.35 12.68 11.64
N LEU A 224 -1.28 14.01 11.61
CA LEU A 224 -0.05 14.65 11.14
C LEU A 224 1.06 14.58 12.20
N PRO A 225 2.31 14.35 11.74
CA PRO A 225 3.48 14.37 12.63
C PRO A 225 3.97 15.79 12.93
N ASP B 6 19.19 2.81 2.25
CA ASP B 6 17.74 3.16 2.16
C ASP B 6 16.81 1.93 2.10
N ILE B 7 17.36 0.74 2.34
CA ILE B 7 16.57 -0.47 2.29
C ILE B 7 16.47 -1.03 3.70
N PRO B 8 15.27 -1.08 4.29
CA PRO B 8 15.09 -1.48 5.70
C PRO B 8 15.02 -3.00 5.91
N PHE B 9 15.78 -3.76 5.12
CA PHE B 9 15.89 -5.21 5.28
C PHE B 9 17.17 -5.69 4.63
N ASP C 6 -7.94 0.84 -16.10
CA ASP C 6 -6.58 1.47 -16.01
C ASP C 6 -6.59 2.44 -14.84
N ILE C 7 -6.18 1.95 -13.65
CA ILE C 7 -6.22 2.71 -12.46
C ILE C 7 -4.89 2.62 -11.70
N PRO C 8 -3.96 3.53 -11.99
CA PRO C 8 -2.66 3.50 -11.31
C PRO C 8 -2.74 3.91 -9.85
N PHE C 9 -3.71 4.74 -9.53
CA PHE C 9 -3.90 5.34 -8.21
C PHE C 9 -5.24 6.09 -8.24
#